data_1KJ4
#
_entry.id   1KJ4
#
_cell.length_a   91.651
_cell.length_b   93.808
_cell.length_c   118.172
_cell.angle_alpha   90.00
_cell.angle_beta   90.00
_cell.angle_gamma   90.00
#
_symmetry.space_group_name_H-M   'I 2 2 2'
#
loop_
_entity.id
_entity.type
_entity.pdbx_description
1 polymer 'POL polyprotein'
2 polymer 'gag polyprotein'
3 non-polymer 'ACETATE ION'
4 water water
#
loop_
_entity_poly.entity_id
_entity_poly.type
_entity_poly.pdbx_seq_one_letter_code
_entity_poly.pdbx_strand_id
1 'polypeptide(L)'
;PQITLWKRPLVTIRIGGQLKEALLNTGADDTVLEEMNLPGKWKPKMIGGIGGFIKVRQYDQIPVEICGHKAIGTVLVGPT
PVNIIGRNLLTQIGCTLNF
;
A,B,C,D
2 'polypeptide(L)' VSQNYPIVQN P,S
#
loop_
_chem_comp.id
_chem_comp.type
_chem_comp.name
_chem_comp.formula
ACT non-polymer 'ACETATE ION' 'C2 H3 O2 -1'
#
# COMPACT_ATOMS: atom_id res chain seq x y z
N PRO A 1 17.97 20.73 -12.29
CA PRO A 1 19.25 20.86 -11.58
C PRO A 1 19.71 19.54 -10.96
N GLN A 2 20.53 19.65 -9.92
CA GLN A 2 21.05 18.48 -9.21
C GLN A 2 21.13 18.88 -7.73
N ILE A 3 20.15 18.41 -6.94
CA ILE A 3 20.09 18.74 -5.52
C ILE A 3 20.63 17.65 -4.59
N THR A 4 21.43 18.06 -3.61
CA THR A 4 22.01 17.12 -2.66
C THR A 4 21.04 16.91 -1.51
N LEU A 5 21.23 15.82 -0.77
CA LEU A 5 20.35 15.50 0.33
C LEU A 5 20.92 15.81 1.71
N TRP A 6 21.86 16.75 1.77
CA TRP A 6 22.45 17.12 3.05
C TRP A 6 21.42 17.90 3.85
N LYS A 7 20.36 18.29 3.15
CA LYS A 7 19.29 19.08 3.74
C LYS A 7 17.99 18.79 3.00
N ARG A 8 16.87 18.83 3.71
CA ARG A 8 15.58 18.57 3.09
C ARG A 8 15.52 19.24 1.72
N PRO A 9 15.29 18.45 0.66
CA PRO A 9 15.22 19.03 -0.68
C PRO A 9 13.95 19.86 -0.94
N LEU A 10 13.85 20.99 -0.23
CA LEU A 10 12.72 21.91 -0.37
C LEU A 10 12.97 22.91 -1.47
N VAL A 11 12.12 22.88 -2.49
CA VAL A 11 12.21 23.81 -3.60
C VAL A 11 10.90 24.59 -3.63
N THR A 12 10.76 25.50 -4.58
CA THR A 12 9.53 26.27 -4.66
C THR A 12 8.69 25.83 -5.85
N ILE A 13 7.38 25.99 -5.74
CA ILE A 13 6.49 25.63 -6.83
C ILE A 13 5.37 26.64 -6.92
N ARG A 14 4.93 26.90 -8.14
CA ARG A 14 3.85 27.85 -8.37
C ARG A 14 2.64 27.05 -8.81
N ILE A 15 1.83 26.62 -7.84
CA ILE A 15 0.63 25.87 -8.14
C ILE A 15 -0.45 26.89 -8.47
N GLY A 16 -0.90 26.85 -9.73
CA GLY A 16 -1.91 27.80 -10.14
C GLY A 16 -1.47 29.24 -9.87
N GLY A 17 -0.29 29.60 -10.36
CA GLY A 17 0.21 30.95 -10.18
C GLY A 17 0.26 31.47 -8.74
N GLN A 18 0.45 30.55 -7.79
CA GLN A 18 0.54 30.88 -6.37
C GLN A 18 1.78 30.16 -5.84
N LEU A 19 2.53 30.80 -4.95
CA LEU A 19 3.75 30.19 -4.44
C LEU A 19 3.71 29.57 -3.06
N LYS A 20 4.21 28.34 -2.99
CA LYS A 20 4.27 27.59 -1.74
C LYS A 20 5.45 26.64 -1.83
N GLU A 21 6.22 26.57 -0.75
CA GLU A 21 7.39 25.72 -0.67
C GLU A 21 6.96 24.27 -0.40
N ALA A 22 7.62 23.32 -1.07
CA ALA A 22 7.31 21.90 -0.89
C ALA A 22 8.54 21.00 -0.95
N LEU A 23 8.40 19.78 -0.44
CA LEU A 23 9.47 18.78 -0.39
C LEU A 23 9.42 17.77 -1.54
N LEU A 24 10.58 17.52 -2.17
CA LEU A 24 10.69 16.56 -3.26
C LEU A 24 10.80 15.19 -2.59
N ASN A 25 9.72 14.42 -2.65
CA ASN A 25 9.66 13.14 -1.97
C ASN A 25 9.56 11.90 -2.86
N THR A 26 10.69 11.21 -3.04
CA THR A 26 10.72 9.99 -3.85
C THR A 26 10.03 8.87 -3.06
N GLY A 27 9.66 9.20 -1.83
CA GLY A 27 8.99 8.24 -0.98
C GLY A 27 7.48 8.44 -0.95
N ALA A 28 6.98 9.32 -1.81
CA ALA A 28 5.55 9.58 -1.88
C ALA A 28 5.05 9.26 -3.29
N ASP A 29 3.86 8.65 -3.37
CA ASP A 29 3.28 8.30 -4.66
C ASP A 29 2.68 9.54 -5.28
N ASP A 30 2.07 10.38 -4.44
CA ASP A 30 1.42 11.58 -4.92
C ASP A 30 1.90 12.87 -4.28
N THR A 31 1.35 13.97 -4.77
CA THR A 31 1.66 15.30 -4.30
C THR A 31 0.60 15.73 -3.29
N VAL A 32 1.01 15.94 -2.06
CA VAL A 32 0.07 16.35 -1.03
C VAL A 32 0.46 17.71 -0.48
N LEU A 33 -0.53 18.60 -0.39
CA LEU A 33 -0.33 19.96 0.13
C LEU A 33 -1.20 20.20 1.36
N GLU A 34 -0.71 21.02 2.28
CA GLU A 34 -1.44 21.36 3.49
C GLU A 34 -2.58 22.27 3.03
N GLU A 35 -3.67 22.29 3.79
CA GLU A 35 -4.83 23.10 3.45
C GLU A 35 -4.49 24.20 2.45
N MET A 36 -4.97 24.03 1.22
CA MET A 36 -4.75 25.00 0.15
C MET A 36 -6.06 25.25 -0.57
N ASN A 37 -6.11 26.33 -1.35
CA ASN A 37 -7.32 26.69 -2.08
C ASN A 37 -7.19 26.63 -3.60
N LEU A 38 -7.57 25.48 -4.16
CA LEU A 38 -7.53 25.28 -5.60
C LEU A 38 -8.98 25.31 -6.07
N PRO A 39 -9.24 25.81 -7.29
CA PRO A 39 -10.61 25.88 -7.80
C PRO A 39 -11.05 24.56 -8.45
N GLY A 40 -12.26 24.53 -8.97
CA GLY A 40 -12.74 23.32 -9.60
C GLY A 40 -13.34 22.37 -8.58
N LYS A 41 -13.91 21.26 -9.04
CA LYS A 41 -14.51 20.29 -8.14
C LYS A 41 -13.45 19.30 -7.66
N TRP A 42 -13.78 18.52 -6.63
CA TRP A 42 -12.82 17.55 -6.13
C TRP A 42 -13.45 16.28 -5.57
N LYS A 43 -12.70 15.19 -5.61
CA LYS A 43 -13.15 13.90 -5.12
C LYS A 43 -12.39 13.58 -3.82
N PRO A 44 -13.10 13.12 -2.78
CA PRO A 44 -12.43 12.80 -1.53
C PRO A 44 -11.68 11.49 -1.73
N LYS A 45 -10.53 11.33 -1.08
CA LYS A 45 -9.74 10.12 -1.25
C LYS A 45 -9.01 9.70 0.02
N MET A 46 -8.58 8.44 0.06
CA MET A 46 -7.86 7.89 1.20
C MET A 46 -6.44 7.58 0.77
N ILE A 47 -5.46 8.11 1.48
CA ILE A 47 -4.09 7.78 1.16
C ILE A 47 -3.45 7.28 2.44
N GLY A 48 -2.33 6.59 2.30
CA GLY A 48 -1.69 6.06 3.48
C GLY A 48 -0.30 6.59 3.67
N GLY A 49 0.08 6.74 4.93
CA GLY A 49 1.40 7.20 5.28
C GLY A 49 2.03 6.24 6.27
N ILE A 50 3.04 6.70 6.99
CA ILE A 50 3.71 5.85 7.97
C ILE A 50 2.79 5.42 9.11
N GLY A 51 1.83 6.26 9.47
CA GLY A 51 0.93 5.96 10.56
C GLY A 51 -0.45 5.36 10.27
N GLY A 52 -0.85 5.36 9.00
CA GLY A 52 -2.15 4.80 8.66
C GLY A 52 -2.80 5.51 7.49
N PHE A 53 -4.14 5.59 7.49
CA PHE A 53 -4.84 6.25 6.40
C PHE A 53 -5.38 7.60 6.86
N ILE A 54 -5.54 8.53 5.92
CA ILE A 54 -6.09 9.84 6.25
C ILE A 54 -6.98 10.26 5.08
N LYS A 55 -7.90 11.19 5.30
CA LYS A 55 -8.78 11.65 4.22
C LYS A 55 -8.21 12.93 3.64
N VAL A 56 -8.07 12.96 2.32
CA VAL A 56 -7.52 14.12 1.61
C VAL A 56 -8.37 14.47 0.40
N ARG A 57 -8.38 15.74 0.01
CA ARG A 57 -9.17 16.15 -1.14
C ARG A 57 -8.38 16.05 -2.42
N GLN A 58 -9.02 15.52 -3.46
CA GLN A 58 -8.35 15.34 -4.74
C GLN A 58 -8.74 16.30 -5.87
N TYR A 59 -7.73 16.85 -6.52
CA TYR A 59 -7.94 17.74 -7.65
C TYR A 59 -7.18 17.15 -8.80
N ASP A 60 -7.84 17.07 -9.96
CA ASP A 60 -7.20 16.50 -11.13
C ASP A 60 -6.71 17.57 -12.09
N GLN A 61 -5.59 17.28 -12.73
CA GLN A 61 -4.98 18.17 -13.70
C GLN A 61 -4.79 19.63 -13.29
N ILE A 62 -3.87 19.83 -12.37
CA ILE A 62 -3.55 21.16 -11.91
C ILE A 62 -2.17 21.41 -12.47
N PRO A 63 -1.93 22.60 -13.01
CA PRO A 63 -0.61 22.91 -13.57
C PRO A 63 0.37 23.34 -12.47
N VAL A 64 1.37 22.51 -12.21
CA VAL A 64 2.37 22.81 -11.19
C VAL A 64 3.63 23.30 -11.91
N GLU A 65 4.45 24.10 -11.23
CA GLU A 65 5.66 24.61 -11.86
C GLU A 65 6.86 24.46 -10.93
N ILE A 66 7.50 23.29 -10.99
CA ILE A 66 8.67 23.00 -10.15
C ILE A 66 9.97 23.48 -10.77
N CYS A 67 10.59 24.48 -10.14
CA CYS A 67 11.85 25.07 -10.63
C CYS A 67 11.81 25.24 -12.14
N GLY A 68 10.98 26.18 -12.61
CA GLY A 68 10.89 26.41 -14.04
C GLY A 68 10.58 25.19 -14.88
N HIS A 69 9.89 24.22 -14.29
CA HIS A 69 9.53 23.02 -15.02
C HIS A 69 8.02 22.80 -14.99
N LYS A 70 7.46 22.66 -16.18
CA LYS A 70 6.02 22.47 -16.37
C LYS A 70 5.58 21.05 -16.03
N ALA A 71 4.54 20.95 -15.21
CA ALA A 71 3.99 19.66 -14.80
C ALA A 71 2.49 19.81 -14.55
N ILE A 72 1.71 18.88 -15.06
CA ILE A 72 0.27 18.92 -14.88
C ILE A 72 -0.20 17.56 -14.41
N GLY A 73 -0.65 17.51 -13.16
CA GLY A 73 -1.12 16.25 -12.60
C GLY A 73 -2.11 16.44 -11.48
N THR A 74 -2.29 15.40 -10.70
CA THR A 74 -3.22 15.42 -9.58
C THR A 74 -2.60 15.86 -8.26
N VAL A 75 -3.21 16.85 -7.63
CA VAL A 75 -2.73 17.37 -6.36
C VAL A 75 -3.74 16.98 -5.28
N LEU A 76 -3.24 16.52 -4.13
CA LEU A 76 -4.13 16.16 -3.03
C LEU A 76 -3.95 17.18 -1.92
N VAL A 77 -5.04 17.63 -1.34
CA VAL A 77 -4.97 18.61 -0.27
C VAL A 77 -5.43 17.96 1.03
N GLY A 78 -4.54 17.89 2.02
CA GLY A 78 -4.93 17.28 3.28
C GLY A 78 -3.88 17.43 4.36
N PRO A 79 -4.22 17.06 5.60
CA PRO A 79 -3.27 17.18 6.70
C PRO A 79 -2.01 16.41 6.34
N THR A 80 -0.87 17.09 6.36
CA THR A 80 0.39 16.43 6.05
C THR A 80 1.46 17.21 6.78
N PRO A 81 2.39 16.50 7.44
CA PRO A 81 3.46 17.17 8.18
C PRO A 81 4.20 18.21 7.36
N VAL A 82 4.33 17.99 6.05
CA VAL A 82 5.00 18.93 5.18
C VAL A 82 4.33 18.86 3.84
N ASN A 83 4.58 19.86 3.00
CA ASN A 83 4.02 19.82 1.66
C ASN A 83 4.88 18.83 0.89
N ILE A 84 4.25 18.06 0.02
CA ILE A 84 4.98 17.05 -0.71
C ILE A 84 4.76 16.93 -2.20
N ILE A 85 5.86 16.84 -2.94
CA ILE A 85 5.80 16.63 -4.37
C ILE A 85 6.18 15.16 -4.55
N GLY A 86 5.20 14.35 -4.92
CA GLY A 86 5.42 12.92 -5.11
C GLY A 86 5.88 12.50 -6.50
N ARG A 87 6.12 11.19 -6.66
CA ARG A 87 6.58 10.64 -7.92
C ARG A 87 5.64 10.93 -9.08
N ASN A 88 4.35 11.11 -8.80
CA ASN A 88 3.40 11.37 -9.88
C ASN A 88 3.82 12.56 -10.75
N LEU A 89 4.38 13.60 -10.13
CA LEU A 89 4.83 14.78 -10.85
C LEU A 89 6.33 14.77 -11.15
N LEU A 90 7.14 14.30 -10.19
CA LEU A 90 8.59 14.25 -10.37
C LEU A 90 8.98 13.54 -11.67
N THR A 91 8.15 12.60 -12.08
CA THR A 91 8.41 11.87 -13.30
C THR A 91 8.23 12.78 -14.53
N GLN A 92 7.12 13.53 -14.57
CA GLN A 92 6.84 14.42 -15.69
C GLN A 92 7.95 15.42 -15.99
N ILE A 93 8.78 15.71 -15.01
CA ILE A 93 9.87 16.67 -15.22
C ILE A 93 11.22 15.98 -15.38
N GLY A 94 11.16 14.69 -15.71
CA GLY A 94 12.35 13.87 -15.91
C GLY A 94 13.29 13.72 -14.73
N CYS A 95 12.74 13.73 -13.52
CA CYS A 95 13.55 13.61 -12.30
C CYS A 95 13.98 12.18 -12.00
N THR A 96 15.24 12.04 -11.59
CA THR A 96 15.80 10.72 -11.28
C THR A 96 16.73 10.73 -10.09
N LEU A 97 16.96 9.55 -9.52
CA LEU A 97 17.85 9.38 -8.38
C LEU A 97 19.15 8.77 -8.88
N ASN A 98 20.27 9.38 -8.50
CA ASN A 98 21.57 8.90 -8.93
C ASN A 98 22.59 8.86 -7.80
N PHE A 99 23.22 7.69 -7.62
CA PHE A 99 24.24 7.54 -6.59
C PHE A 99 25.28 6.55 -7.06
N PRO B 1 23.75 4.18 -9.56
CA PRO B 1 22.93 3.95 -10.78
C PRO B 1 22.09 5.19 -11.08
N GLN B 2 21.03 5.00 -11.88
CA GLN B 2 20.10 6.07 -12.26
C GLN B 2 18.66 5.57 -12.16
N ILE B 3 18.10 5.69 -10.95
CA ILE B 3 16.73 5.24 -10.69
C ILE B 3 15.72 6.23 -11.26
N THR B 4 14.88 5.76 -12.19
CA THR B 4 13.85 6.62 -12.76
C THR B 4 12.73 6.53 -11.74
N LEU B 5 11.82 7.52 -11.72
CA LEU B 5 10.77 7.49 -10.72
C LEU B 5 9.35 7.09 -11.14
N TRP B 6 9.22 6.32 -12.22
CA TRP B 6 7.89 5.90 -12.64
C TRP B 6 7.39 4.72 -11.82
N LYS B 7 8.09 4.42 -10.73
CA LYS B 7 7.72 3.32 -9.84
C LYS B 7 8.60 3.27 -8.59
N ARG B 8 7.96 3.13 -7.43
CA ARG B 8 8.63 3.08 -6.14
C ARG B 8 10.10 2.67 -6.19
N PRO B 9 11.00 3.60 -5.86
CA PRO B 9 12.44 3.31 -5.89
C PRO B 9 12.87 2.36 -4.77
N LEU B 10 12.47 1.09 -4.90
CA LEU B 10 12.82 0.08 -3.92
C LEU B 10 14.14 -0.58 -4.29
N VAL B 11 15.05 -0.69 -3.33
CA VAL B 11 16.33 -1.32 -3.58
C VAL B 11 16.61 -2.35 -2.49
N THR B 12 17.69 -3.10 -2.67
CA THR B 12 18.09 -4.13 -1.73
C THR B 12 19.25 -3.62 -0.88
N ILE B 13 19.14 -3.80 0.43
CA ILE B 13 20.20 -3.39 1.35
C ILE B 13 20.67 -4.62 2.10
N ARG B 14 21.68 -4.43 2.93
CA ARG B 14 22.23 -5.53 3.71
C ARG B 14 22.65 -5.00 5.08
N ILE B 15 21.99 -5.47 6.12
CA ILE B 15 22.28 -5.05 7.49
C ILE B 15 22.11 -6.23 8.44
N GLY B 16 22.99 -6.33 9.43
CA GLY B 16 22.93 -7.42 10.39
C GLY B 16 22.90 -8.81 9.77
N GLY B 17 23.65 -8.98 8.68
CA GLY B 17 23.68 -10.27 8.00
C GLY B 17 22.32 -10.67 7.45
N GLN B 18 21.61 -9.71 6.87
CA GLN B 18 20.28 -9.95 6.30
C GLN B 18 20.03 -9.10 5.06
N LEU B 19 19.37 -9.68 4.05
CA LEU B 19 19.03 -8.93 2.85
C LEU B 19 17.60 -8.48 3.07
N LYS B 20 17.32 -7.23 2.76
CA LYS B 20 15.96 -6.70 2.93
C LYS B 20 15.75 -5.61 1.91
N GLU B 21 14.49 -5.41 1.51
CA GLU B 21 14.19 -4.34 0.57
C GLU B 21 13.88 -3.06 1.32
N ALA B 22 14.38 -1.96 0.80
CA ALA B 22 14.14 -0.67 1.42
C ALA B 22 13.68 0.29 0.34
N LEU B 23 13.16 1.42 0.76
CA LEU B 23 12.69 2.42 -0.16
C LEU B 23 13.64 3.60 -0.09
N LEU B 24 14.08 4.09 -1.25
CA LEU B 24 14.96 5.24 -1.30
C LEU B 24 14.03 6.44 -1.15
N ASN B 25 13.91 6.90 0.08
CA ASN B 25 13.00 7.99 0.40
C ASN B 25 13.67 9.30 0.75
N THR B 26 13.72 10.21 -0.23
CA THR B 26 14.34 11.53 -0.04
C THR B 26 13.44 12.42 0.81
N GLY B 27 12.26 11.90 1.12
CA GLY B 27 11.30 12.65 1.92
C GLY B 27 11.37 12.37 3.42
N ALA B 28 12.27 11.47 3.81
CA ALA B 28 12.45 11.12 5.21
C ALA B 28 13.77 11.70 5.70
N ASP B 29 13.83 12.05 6.98
CA ASP B 29 15.06 12.60 7.53
C ASP B 29 15.95 11.50 8.07
N ASP B 30 15.36 10.55 8.79
CA ASP B 30 16.13 9.45 9.35
C ASP B 30 15.88 8.18 8.53
N THR B 31 16.43 7.06 8.99
CA THR B 31 16.24 5.77 8.33
C THR B 31 15.48 4.85 9.27
N VAL B 32 14.30 4.40 8.83
CA VAL B 32 13.45 3.52 9.63
C VAL B 32 13.28 2.14 8.99
N LEU B 33 13.61 1.10 9.75
CA LEU B 33 13.49 -0.29 9.27
C LEU B 33 12.42 -1.03 10.07
N GLU B 34 11.84 -2.07 9.48
CA GLU B 34 10.81 -2.85 10.17
C GLU B 34 11.44 -3.51 11.38
N GLU B 35 10.62 -3.82 12.37
CA GLU B 35 11.10 -4.46 13.61
C GLU B 35 12.14 -5.55 13.34
N MET B 36 13.33 -5.40 13.93
CA MET B 36 14.40 -6.37 13.77
C MET B 36 15.41 -6.23 14.88
N ASN B 37 16.33 -7.19 14.96
CA ASN B 37 17.35 -7.17 16.01
C ASN B 37 18.72 -6.67 15.56
N LEU B 38 19.17 -5.59 16.18
CA LEU B 38 20.47 -4.99 15.91
C LEU B 38 21.22 -5.00 17.22
N PRO B 39 22.55 -5.05 17.18
CA PRO B 39 23.37 -5.07 18.39
C PRO B 39 23.66 -3.69 18.96
N GLY B 40 23.76 -3.60 20.28
CA GLY B 40 24.08 -2.34 20.92
C GLY B 40 23.01 -1.72 21.81
N LYS B 41 23.28 -0.48 22.22
CA LYS B 41 22.37 0.26 23.08
C LYS B 41 21.56 1.17 22.17
N TRP B 42 20.27 1.28 22.49
CA TRP B 42 19.33 2.09 21.71
C TRP B 42 18.50 3.00 22.62
N LYS B 43 18.06 4.13 22.08
CA LYS B 43 17.24 5.04 22.86
C LYS B 43 15.91 5.27 22.13
N PRO B 44 14.82 5.49 22.89
CA PRO B 44 13.48 5.72 22.34
C PRO B 44 13.38 7.01 21.51
N LYS B 45 12.32 7.11 20.72
CA LYS B 45 12.12 8.26 19.87
C LYS B 45 10.79 8.13 19.12
N MET B 46 10.10 9.25 18.98
CA MET B 46 8.84 9.27 18.26
C MET B 46 9.17 9.90 16.91
N ILE B 47 8.73 9.27 15.83
CA ILE B 47 8.96 9.82 14.51
C ILE B 47 7.56 9.85 13.92
N GLY B 48 7.27 10.85 13.11
CA GLY B 48 5.94 10.94 12.54
C GLY B 48 5.91 11.37 11.09
N GLY B 49 4.78 11.12 10.46
CA GLY B 49 4.55 11.48 9.06
C GLY B 49 3.06 11.49 8.85
N ILE B 50 2.62 11.30 7.63
CA ILE B 50 1.19 11.28 7.35
C ILE B 50 0.59 10.06 8.03
N GLY B 51 -0.43 10.28 8.85
CA GLY B 51 -1.06 9.17 9.54
C GLY B 51 -0.78 9.18 11.03
N GLY B 52 0.29 9.86 11.43
CA GLY B 52 0.63 9.93 12.85
C GLY B 52 2.06 9.61 13.24
N PHE B 53 2.23 9.26 14.52
CA PHE B 53 3.52 8.93 15.11
C PHE B 53 3.61 7.48 15.56
N ILE B 54 4.83 6.94 15.57
CA ILE B 54 5.12 5.58 15.99
C ILE B 54 6.42 5.64 16.80
N LYS B 55 6.47 4.87 17.90
CA LYS B 55 7.66 4.85 18.75
C LYS B 55 8.69 3.88 18.17
N VAL B 56 9.90 4.36 17.96
CA VAL B 56 10.95 3.53 17.40
C VAL B 56 12.14 3.42 18.35
N ARG B 57 13.03 2.47 18.06
CA ARG B 57 14.25 2.27 18.83
C ARG B 57 15.40 2.78 17.96
N GLN B 58 16.24 3.64 18.53
CA GLN B 58 17.36 4.21 17.79
C GLN B 58 18.69 3.56 18.10
N TYR B 59 19.36 3.10 17.05
CA TYR B 59 20.67 2.48 17.18
C TYR B 59 21.63 3.36 16.39
N ASP B 60 22.83 3.60 16.90
CA ASP B 60 23.79 4.43 16.17
C ASP B 60 24.94 3.64 15.55
N GLN B 61 25.64 4.28 14.62
CA GLN B 61 26.79 3.69 13.93
C GLN B 61 26.57 2.27 13.42
N ILE B 62 25.37 1.98 12.93
CA ILE B 62 25.07 0.65 12.41
C ILE B 62 25.54 0.60 10.95
N PRO B 63 26.38 -0.39 10.59
CA PRO B 63 26.89 -0.53 9.22
C PRO B 63 25.84 -1.09 8.27
N VAL B 64 25.50 -0.32 7.25
CA VAL B 64 24.51 -0.74 6.26
C VAL B 64 25.18 -0.81 4.90
N GLU B 65 24.54 -1.48 3.95
CA GLU B 65 25.11 -1.58 2.62
C GLU B 65 24.01 -1.39 1.57
N ILE B 66 23.65 -0.13 1.35
CA ILE B 66 22.62 0.23 0.40
C ILE B 66 22.96 -0.22 -1.01
N CYS B 67 22.05 -0.97 -1.61
CA CYS B 67 22.18 -1.49 -2.96
C CYS B 67 23.60 -1.55 -3.50
N GLY B 68 24.55 -1.92 -2.65
CA GLY B 68 25.92 -2.03 -3.10
C GLY B 68 27.02 -1.19 -2.46
N HIS B 69 26.69 -0.18 -1.66
CA HIS B 69 27.73 0.64 -1.04
C HIS B 69 27.73 0.63 0.49
N LYS B 70 28.88 0.90 1.09
CA LYS B 70 28.98 0.92 2.55
C LYS B 70 28.37 2.22 3.04
N ALA B 71 27.99 2.24 4.32
CA ALA B 71 27.37 3.40 4.95
C ALA B 71 26.91 3.06 6.35
N ILE B 72 27.55 3.66 7.36
CA ILE B 72 27.16 3.42 8.73
C ILE B 72 26.53 4.71 9.25
N GLY B 73 25.48 4.60 10.03
CA GLY B 73 24.85 5.80 10.54
C GLY B 73 23.89 5.50 11.66
N THR B 74 22.69 6.04 11.57
CA THR B 74 21.69 5.81 12.61
C THR B 74 20.47 5.13 12.00
N VAL B 75 20.15 3.95 12.52
CA VAL B 75 19.02 3.19 12.04
C VAL B 75 17.96 3.08 13.13
N LEU B 76 16.77 3.59 12.84
CA LEU B 76 15.66 3.55 13.79
C LEU B 76 14.85 2.31 13.43
N VAL B 77 14.48 1.52 14.43
CA VAL B 77 13.73 0.28 14.20
C VAL B 77 12.40 0.34 14.91
N GLY B 78 11.31 0.19 14.16
CA GLY B 78 10.01 0.25 14.78
C GLY B 78 8.89 -0.27 13.92
N PRO B 79 7.63 -0.08 14.33
CA PRO B 79 6.45 -0.53 13.59
C PRO B 79 6.18 0.26 12.32
N THR B 80 7.13 0.25 11.41
CA THR B 80 6.95 0.94 10.15
C THR B 80 6.35 -0.04 9.15
N PRO B 81 5.41 0.41 8.30
CA PRO B 81 4.80 -0.46 7.30
C PRO B 81 5.79 -0.91 6.21
N VAL B 82 6.88 -0.17 6.06
CA VAL B 82 7.91 -0.49 5.08
C VAL B 82 9.25 0.03 5.52
N ASN B 83 10.31 -0.61 5.02
CA ASN B 83 11.66 -0.18 5.35
C ASN B 83 11.92 1.09 4.59
N ILE B 84 12.59 2.04 5.22
CA ILE B 84 12.87 3.31 4.56
C ILE B 84 14.30 3.75 4.79
N ILE B 85 14.97 4.12 3.71
CA ILE B 85 16.33 4.61 3.82
C ILE B 85 16.21 6.11 3.65
N GLY B 86 16.54 6.84 4.72
CA GLY B 86 16.44 8.28 4.70
C GLY B 86 17.61 9.05 4.12
N ARG B 87 17.53 10.37 4.28
CA ARG B 87 18.55 11.28 3.77
C ARG B 87 19.85 11.19 4.54
N ASN B 88 19.82 10.52 5.70
CA ASN B 88 21.03 10.41 6.50
C ASN B 88 22.00 9.39 5.89
N LEU B 89 21.47 8.33 5.29
CA LEU B 89 22.32 7.34 4.68
C LEU B 89 22.45 7.61 3.18
N LEU B 90 21.43 8.25 2.61
CA LEU B 90 21.45 8.55 1.17
C LEU B 90 22.63 9.42 0.79
N THR B 91 22.95 10.38 1.66
CA THR B 91 24.08 11.27 1.42
C THR B 91 25.39 10.51 1.54
N GLN B 92 25.47 9.65 2.55
CA GLN B 92 26.69 8.87 2.74
C GLN B 92 27.07 8.08 1.49
N ILE B 93 26.09 7.68 0.70
CA ILE B 93 26.45 6.97 -0.51
C ILE B 93 26.40 7.94 -1.68
N GLY B 94 26.57 9.23 -1.37
CA GLY B 94 26.56 10.29 -2.38
C GLY B 94 25.41 10.29 -3.37
N CYS B 95 24.19 10.19 -2.84
CA CYS B 95 22.97 10.15 -3.66
C CYS B 95 22.40 11.54 -3.94
N THR B 96 21.75 11.72 -5.09
CA THR B 96 21.18 13.01 -5.47
C THR B 96 19.95 12.96 -6.39
N LEU B 97 19.27 14.11 -6.49
CA LEU B 97 18.09 14.26 -7.34
C LEU B 97 18.48 15.14 -8.51
N ASN B 98 18.20 14.67 -9.73
CA ASN B 98 18.54 15.44 -10.92
C ASN B 98 17.42 15.47 -11.94
N PHE B 99 16.89 16.67 -12.20
CA PHE B 99 15.80 16.83 -13.15
C PHE B 99 16.03 18.00 -14.10
N PRO C 1 -7.95 -27.39 -8.93
CA PRO C 1 -9.37 -27.50 -9.34
C PRO C 1 -9.88 -26.18 -9.91
N GLN C 2 -11.19 -25.99 -9.82
CA GLN C 2 -11.84 -24.76 -10.30
C GLN C 2 -12.92 -24.41 -9.31
N ILE C 3 -12.64 -23.50 -8.37
CA ILE C 3 -13.64 -23.13 -7.37
C ILE C 3 -14.48 -21.93 -7.78
N THR C 4 -15.78 -21.99 -7.49
CA THR C 4 -16.70 -20.91 -7.85
C THR C 4 -16.91 -19.93 -6.70
N LEU C 5 -17.33 -18.72 -7.07
CA LEU C 5 -17.55 -17.66 -6.09
C LEU C 5 -18.97 -17.59 -5.58
N TRP C 6 -19.70 -18.70 -5.73
CA TRP C 6 -21.08 -18.77 -5.27
C TRP C 6 -21.12 -18.52 -3.78
N LYS C 7 -19.94 -18.55 -3.17
CA LYS C 7 -19.82 -18.29 -1.76
C LYS C 7 -18.37 -18.36 -1.33
N ARG C 8 -18.07 -17.76 -0.19
CA ARG C 8 -16.73 -17.74 0.34
C ARG C 8 -15.88 -18.92 -0.07
N PRO C 9 -14.86 -18.68 -0.90
CA PRO C 9 -13.97 -19.73 -1.38
C PRO C 9 -13.06 -20.35 -0.30
N LEU C 10 -13.66 -21.13 0.61
CA LEU C 10 -12.92 -21.78 1.69
C LEU C 10 -12.35 -23.14 1.29
N VAL C 11 -11.07 -23.32 1.57
CA VAL C 11 -10.37 -24.57 1.27
C VAL C 11 -9.58 -24.97 2.51
N THR C 12 -9.04 -26.18 2.51
CA THR C 12 -8.27 -26.63 3.65
C THR C 12 -6.79 -26.70 3.31
N ILE C 13 -5.97 -26.20 4.23
CA ILE C 13 -4.52 -26.19 4.06
C ILE C 13 -3.87 -26.80 5.28
N ARG C 14 -2.84 -27.60 5.07
CA ARG C 14 -2.11 -28.21 6.18
C ARG C 14 -0.89 -27.34 6.47
N ILE C 15 -1.11 -26.30 7.28
CA ILE C 15 -0.04 -25.38 7.67
C ILE C 15 0.73 -26.06 8.79
N GLY C 16 1.75 -26.81 8.40
CA GLY C 16 2.55 -27.52 9.37
C GLY C 16 1.79 -28.68 9.98
N GLY C 17 1.64 -29.77 9.21
CA GLY C 17 0.94 -30.96 9.66
C GLY C 17 -0.21 -30.69 10.62
N GLN C 18 -0.87 -29.55 10.43
CA GLN C 18 -1.99 -29.13 11.28
C GLN C 18 -3.02 -28.57 10.32
N LEU C 19 -4.23 -29.14 10.33
CA LEU C 19 -5.27 -28.68 9.42
C LEU C 19 -6.07 -27.47 9.86
N LYS C 20 -6.19 -26.51 8.96
CA LYS C 20 -6.94 -25.29 9.18
C LYS C 20 -7.69 -25.00 7.88
N GLU C 21 -8.72 -24.17 7.96
CA GLU C 21 -9.54 -23.85 6.80
C GLU C 21 -9.42 -22.36 6.47
N ALA C 22 -9.00 -22.05 5.25
CA ALA C 22 -8.81 -20.66 4.85
C ALA C 22 -9.62 -20.24 3.62
N LEU C 23 -9.75 -18.92 3.46
CA LEU C 23 -10.48 -18.30 2.36
C LEU C 23 -9.53 -17.84 1.27
N LEU C 24 -9.55 -18.49 0.11
CA LEU C 24 -8.68 -18.09 -0.99
C LEU C 24 -8.98 -16.62 -1.31
N ASN C 25 -8.01 -15.74 -1.07
CA ASN C 25 -8.19 -14.30 -1.27
C ASN C 25 -7.21 -13.64 -2.25
N THR C 26 -7.74 -13.04 -3.32
CA THR C 26 -6.92 -12.35 -4.32
C THR C 26 -6.81 -10.90 -3.90
N GLY C 27 -7.74 -10.46 -3.05
CA GLY C 27 -7.73 -9.10 -2.56
C GLY C 27 -6.75 -8.88 -1.42
N ALA C 28 -5.99 -9.93 -1.08
CA ALA C 28 -4.99 -9.84 -0.02
C ALA C 28 -3.61 -10.18 -0.54
N ASP C 29 -2.63 -9.38 -0.09
CA ASP C 29 -1.22 -9.53 -0.47
C ASP C 29 -0.50 -10.70 0.21
N ASP C 30 -0.67 -10.80 1.52
CA ASP C 30 -0.02 -11.88 2.24
C ASP C 30 -1.03 -12.91 2.75
N THR C 31 -0.57 -13.79 3.63
CA THR C 31 -1.44 -14.82 4.16
C THR C 31 -1.57 -14.64 5.66
N VAL C 32 -2.78 -14.30 6.11
CA VAL C 32 -3.03 -14.08 7.53
C VAL C 32 -3.95 -15.13 8.16
N LEU C 33 -3.48 -15.73 9.25
CA LEU C 33 -4.24 -16.75 9.98
C LEU C 33 -4.44 -16.23 11.38
N GLU C 34 -5.63 -16.42 11.93
CA GLU C 34 -5.91 -15.97 13.30
C GLU C 34 -5.09 -16.83 14.26
N GLU C 35 -4.71 -16.23 15.39
CA GLU C 35 -3.89 -16.89 16.40
C GLU C 35 -3.82 -18.43 16.36
N MET C 36 -2.67 -18.93 15.90
CA MET C 36 -2.39 -20.36 15.85
C MET C 36 -0.96 -20.50 16.36
N ASN C 37 -0.48 -21.73 16.56
CA ASN C 37 0.87 -21.92 17.07
C ASN C 37 1.84 -22.65 16.16
N LEU C 38 2.62 -21.87 15.41
CA LEU C 38 3.62 -22.43 14.52
C LEU C 38 4.91 -22.57 15.33
N PRO C 39 5.66 -23.65 15.09
CA PRO C 39 6.92 -23.96 15.78
C PRO C 39 8.00 -22.87 15.74
N GLY C 40 8.51 -22.57 14.55
CA GLY C 40 9.56 -21.58 14.40
C GLY C 40 9.38 -20.25 15.11
N LYS C 41 10.42 -19.41 15.06
CA LYS C 41 10.40 -18.08 15.69
C LYS C 41 9.76 -17.07 14.75
N TRP C 42 9.30 -15.96 15.31
CA TRP C 42 8.65 -14.93 14.53
C TRP C 42 9.30 -13.56 14.62
N LYS C 43 8.58 -12.56 14.12
CA LYS C 43 9.01 -11.17 14.12
C LYS C 43 7.72 -10.39 13.96
N PRO C 44 7.59 -9.24 14.65
CA PRO C 44 6.34 -8.50 14.48
C PRO C 44 6.30 -7.80 13.12
N LYS C 45 5.11 -7.36 12.71
CA LYS C 45 4.98 -6.70 11.43
C LYS C 45 3.67 -5.91 11.30
N MET C 46 3.72 -4.79 10.59
CA MET C 46 2.58 -3.92 10.33
C MET C 46 2.01 -4.19 8.95
N ILE C 47 0.70 -4.40 8.86
CA ILE C 47 0.07 -4.64 7.57
C ILE C 47 -1.22 -3.84 7.43
N GLY C 48 -1.62 -3.60 6.19
CA GLY C 48 -2.82 -2.84 5.95
C GLY C 48 -4.09 -3.65 5.76
N GLY C 49 -5.21 -2.97 5.93
CA GLY C 49 -6.50 -3.60 5.79
C GLY C 49 -7.51 -2.53 5.46
N ILE C 50 -8.72 -2.95 5.13
CA ILE C 50 -9.76 -2.01 4.79
C ILE C 50 -9.92 -0.94 5.87
N GLY C 51 -9.51 -1.23 7.09
CA GLY C 51 -9.67 -0.27 8.16
C GLY C 51 -8.47 0.34 8.85
N GLY C 52 -7.27 0.17 8.29
CA GLY C 52 -6.08 0.73 8.91
C GLY C 52 -4.94 -0.26 8.96
N PHE C 53 -3.96 0.00 9.81
CA PHE C 53 -2.82 -0.91 9.96
C PHE C 53 -3.04 -1.72 11.23
N ILE C 54 -2.40 -2.88 11.32
CA ILE C 54 -2.49 -3.73 12.50
C ILE C 54 -1.16 -4.45 12.60
N LYS C 55 -0.90 -5.03 13.76
CA LYS C 55 0.33 -5.77 14.01
C LYS C 55 0.11 -7.26 13.90
N VAL C 56 1.10 -7.95 13.33
CA VAL C 56 1.01 -9.39 13.17
C VAL C 56 2.34 -10.06 13.42
N ARG C 57 2.29 -11.33 13.80
CA ARG C 57 3.50 -12.09 14.01
C ARG C 57 3.81 -12.65 12.64
N GLN C 58 5.09 -12.72 12.30
CA GLN C 58 5.47 -13.25 11.00
C GLN C 58 6.44 -14.42 11.06
N TYR C 59 6.06 -15.51 10.41
CA TYR C 59 6.91 -16.69 10.34
C TYR C 59 7.37 -16.87 8.89
N ASP C 60 8.64 -17.23 8.71
CA ASP C 60 9.15 -17.40 7.36
C ASP C 60 9.36 -18.83 6.90
N GLN C 61 9.33 -19.01 5.59
CA GLN C 61 9.53 -20.31 4.97
C GLN C 61 8.69 -21.40 5.60
N ILE C 62 7.39 -21.18 5.68
CA ILE C 62 6.53 -22.20 6.26
C ILE C 62 5.98 -23.05 5.13
N PRO C 63 6.10 -24.37 5.24
CA PRO C 63 5.60 -25.28 4.21
C PRO C 63 4.09 -25.44 4.36
N VAL C 64 3.36 -25.05 3.32
CA VAL C 64 1.91 -25.14 3.35
C VAL C 64 1.40 -26.01 2.22
N GLU C 65 0.43 -26.87 2.52
CA GLU C 65 -0.16 -27.72 1.49
C GLU C 65 -1.60 -27.22 1.31
N ILE C 66 -1.92 -26.75 0.10
CA ILE C 66 -3.25 -26.24 -0.18
C ILE C 66 -3.89 -27.18 -1.19
N CYS C 67 -4.98 -27.84 -0.81
CA CYS C 67 -5.69 -28.78 -1.70
C CYS C 67 -4.71 -29.57 -2.59
N GLY C 68 -3.91 -30.44 -1.97
CA GLY C 68 -2.96 -31.24 -2.71
C GLY C 68 -1.76 -30.53 -3.32
N HIS C 69 -1.71 -29.20 -3.21
CA HIS C 69 -0.61 -28.43 -3.76
C HIS C 69 0.33 -27.93 -2.66
N LYS C 70 1.61 -28.29 -2.78
CA LYS C 70 2.61 -27.89 -1.79
C LYS C 70 3.31 -26.58 -2.17
N ALA C 71 3.54 -25.72 -1.18
CA ALA C 71 4.21 -24.44 -1.40
C ALA C 71 4.84 -23.93 -0.11
N ILE C 72 5.93 -23.18 -0.22
CA ILE C 72 6.61 -22.65 0.97
C ILE C 72 6.63 -21.13 0.93
N GLY C 73 6.46 -20.51 2.10
CA GLY C 73 6.48 -19.07 2.16
C GLY C 73 6.17 -18.51 3.53
N THR C 74 5.84 -17.22 3.53
CA THR C 74 5.52 -16.46 4.71
C THR C 74 4.07 -16.51 5.15
N VAL C 75 3.88 -16.82 6.41
CA VAL C 75 2.56 -16.86 6.99
C VAL C 75 2.50 -15.81 8.09
N LEU C 76 1.40 -15.09 8.15
CA LEU C 76 1.22 -14.05 9.15
C LEU C 76 0.08 -14.45 10.09
N VAL C 77 0.38 -14.51 11.39
CA VAL C 77 -0.62 -14.86 12.38
C VAL C 77 -1.03 -13.55 13.09
N GLY C 78 -2.34 -13.32 13.20
CA GLY C 78 -2.81 -12.10 13.85
C GLY C 78 -4.31 -11.91 13.77
N PRO C 79 -4.85 -10.83 14.37
CA PRO C 79 -6.28 -10.56 14.36
C PRO C 79 -6.84 -10.27 12.99
N THR C 80 -7.49 -11.26 12.42
CA THR C 80 -8.10 -11.12 11.11
C THR C 80 -9.51 -11.68 11.27
N PRO C 81 -10.48 -11.15 10.50
CA PRO C 81 -11.86 -11.63 10.62
C PRO C 81 -11.97 -13.10 10.23
N VAL C 82 -11.23 -13.49 9.20
CA VAL C 82 -11.24 -14.86 8.69
C VAL C 82 -9.82 -15.22 8.26
N ASN C 83 -9.56 -16.51 8.09
CA ASN C 83 -8.24 -16.94 7.65
C ASN C 83 -8.13 -16.56 6.20
N ILE C 84 -6.94 -16.16 5.79
CA ILE C 84 -6.73 -15.73 4.43
C ILE C 84 -5.48 -16.30 3.78
N ILE C 85 -5.63 -16.72 2.54
CA ILE C 85 -4.50 -17.20 1.76
C ILE C 85 -4.41 -16.16 0.66
N GLY C 86 -3.30 -15.40 0.65
CA GLY C 86 -3.11 -14.34 -0.33
C GLY C 86 -2.21 -14.66 -1.49
N ARG C 87 -2.17 -13.74 -2.45
CA ARG C 87 -1.37 -13.86 -3.66
C ARG C 87 0.00 -14.47 -3.37
N ASN C 88 0.59 -14.03 -2.27
CA ASN C 88 1.90 -14.49 -1.85
C ASN C 88 2.06 -16.01 -1.99
N LEU C 89 0.96 -16.76 -1.79
CA LEU C 89 0.98 -18.23 -1.91
C LEU C 89 0.18 -18.69 -3.12
N LEU C 90 -0.87 -17.94 -3.47
CA LEU C 90 -1.72 -18.29 -4.61
C LEU C 90 -0.92 -18.31 -5.90
N THR C 91 0.20 -17.58 -5.94
CA THR C 91 1.05 -17.58 -7.12
C THR C 91 1.90 -18.83 -7.16
N GLN C 92 2.28 -19.30 -5.98
CA GLN C 92 3.10 -20.49 -5.90
C GLN C 92 2.35 -21.73 -6.34
N ILE C 93 1.02 -21.74 -6.20
CA ILE C 93 0.23 -22.90 -6.60
C ILE C 93 -0.35 -22.76 -8.02
N GLY C 94 -0.07 -21.65 -8.67
CA GLY C 94 -0.54 -21.44 -10.02
C GLY C 94 -2.00 -21.05 -10.16
N CYS C 95 -2.56 -20.42 -9.13
CA CYS C 95 -3.96 -19.99 -9.16
C CYS C 95 -4.15 -18.78 -10.07
N THR C 96 -5.27 -18.77 -10.80
CA THR C 96 -5.57 -17.66 -11.70
C THR C 96 -7.06 -17.28 -11.66
N LEU C 97 -7.35 -16.05 -12.05
CA LEU C 97 -8.74 -15.58 -12.08
C LEU C 97 -9.20 -15.72 -13.53
N ASN C 98 -10.36 -16.33 -13.72
CA ASN C 98 -10.85 -16.55 -15.07
C ASN C 98 -12.33 -16.26 -15.22
N PHE C 99 -12.66 -15.31 -16.10
CA PHE C 99 -14.06 -14.98 -16.34
C PHE C 99 -14.30 -14.55 -17.80
N PRO D 1 -11.09 -13.19 -19.56
CA PRO D 1 -9.61 -13.13 -19.52
C PRO D 1 -9.08 -14.04 -18.42
N GLN D 2 -7.77 -14.19 -18.37
CA GLN D 2 -7.16 -14.99 -17.33
C GLN D 2 -6.19 -14.09 -16.58
N ILE D 3 -6.60 -13.64 -15.40
CA ILE D 3 -5.74 -12.79 -14.59
C ILE D 3 -4.77 -13.67 -13.82
N THR D 4 -3.51 -13.25 -13.73
CA THR D 4 -2.54 -14.02 -12.93
C THR D 4 -2.47 -13.22 -11.63
N LEU D 5 -2.11 -13.88 -10.55
CA LEU D 5 -2.07 -13.19 -9.29
C LEU D 5 -0.70 -12.74 -8.86
N TRP D 6 0.07 -12.26 -9.83
CA TRP D 6 1.41 -11.77 -9.55
C TRP D 6 1.34 -10.30 -9.13
N LYS D 7 0.39 -9.57 -9.72
CA LYS D 7 0.19 -8.17 -9.41
C LYS D 7 -1.28 -8.04 -9.01
N ARG D 8 -1.60 -7.11 -8.12
CA ARG D 8 -2.97 -6.92 -7.67
C ARG D 8 -3.91 -6.85 -8.87
N PRO D 9 -4.93 -7.74 -8.92
CA PRO D 9 -5.89 -7.77 -10.02
C PRO D 9 -6.78 -6.54 -10.16
N LEU D 10 -6.18 -5.41 -10.53
CA LEU D 10 -6.89 -4.16 -10.72
C LEU D 10 -7.34 -4.09 -12.16
N VAL D 11 -8.64 -4.04 -12.39
CA VAL D 11 -9.17 -3.98 -13.75
C VAL D 11 -9.99 -2.71 -13.91
N THR D 12 -10.30 -2.36 -15.16
CA THR D 12 -11.09 -1.18 -15.46
C THR D 12 -12.56 -1.51 -15.33
N ILE D 13 -13.32 -0.65 -14.66
CA ILE D 13 -14.75 -0.86 -14.49
C ILE D 13 -15.47 0.38 -14.96
N ARG D 14 -16.75 0.27 -15.23
CA ARG D 14 -17.52 1.42 -15.65
C ARG D 14 -18.76 1.47 -14.79
N ILE D 15 -18.88 2.54 -14.02
CA ILE D 15 -20.00 2.72 -13.12
C ILE D 15 -20.29 4.21 -12.96
N GLY D 16 -21.58 4.56 -12.92
CA GLY D 16 -21.97 5.95 -12.78
C GLY D 16 -21.47 6.77 -13.95
N GLY D 17 -21.38 6.15 -15.12
CA GLY D 17 -20.92 6.86 -16.30
C GLY D 17 -19.44 7.22 -16.25
N GLN D 18 -18.73 6.63 -15.30
CA GLN D 18 -17.29 6.88 -15.14
C GLN D 18 -16.46 5.65 -15.45
N LEU D 19 -15.15 5.83 -15.52
CA LEU D 19 -14.23 4.73 -15.77
C LEU D 19 -13.22 4.70 -14.65
N LYS D 20 -13.30 3.68 -13.79
CA LYS D 20 -12.38 3.55 -12.64
C LYS D 20 -11.65 2.21 -12.62
N GLU D 21 -10.80 2.02 -11.61
CA GLU D 21 -10.08 0.76 -11.45
C GLU D 21 -10.52 0.14 -10.15
N ALA D 22 -10.85 -1.14 -10.20
CA ALA D 22 -11.28 -1.83 -9.01
C ALA D 22 -10.52 -3.13 -8.83
N LEU D 23 -10.24 -3.46 -7.58
CA LEU D 23 -9.52 -4.68 -7.26
C LEU D 23 -10.47 -5.88 -7.30
N LEU D 24 -10.15 -6.89 -8.10
CA LEU D 24 -10.98 -8.09 -8.17
C LEU D 24 -10.67 -8.83 -6.87
N ASN D 25 -11.64 -8.84 -5.96
CA ASN D 25 -11.48 -9.40 -4.62
C ASN D 25 -12.35 -10.61 -4.22
N THR D 26 -11.80 -11.82 -4.33
CA THR D 26 -12.57 -13.02 -3.96
C THR D 26 -12.69 -13.11 -2.44
N GLY D 27 -11.96 -12.25 -1.74
CA GLY D 27 -12.00 -12.28 -0.30
C GLY D 27 -13.00 -11.30 0.30
N ALA D 28 -13.80 -10.68 -0.56
CA ALA D 28 -14.80 -9.73 -0.11
C ALA D 28 -16.18 -10.24 -0.50
N ASP D 29 -17.12 -10.20 0.43
CA ASP D 29 -18.46 -10.67 0.13
C ASP D 29 -19.16 -9.63 -0.73
N ASP D 30 -19.02 -8.35 -0.37
CA ASP D 30 -19.65 -7.27 -1.12
C ASP D 30 -18.70 -6.43 -1.99
N THR D 31 -19.25 -5.38 -2.59
CA THR D 31 -18.48 -4.47 -3.44
C THR D 31 -18.45 -3.07 -2.85
N VAL D 32 -17.27 -2.65 -2.41
CA VAL D 32 -17.08 -1.34 -1.82
C VAL D 32 -16.28 -0.45 -2.76
N LEU D 33 -16.84 0.70 -3.10
CA LEU D 33 -16.18 1.68 -3.98
C LEU D 33 -15.95 2.98 -3.23
N GLU D 34 -14.91 3.71 -3.63
CA GLU D 34 -14.58 4.98 -3.00
C GLU D 34 -15.78 5.94 -3.02
N GLU D 35 -15.63 7.09 -2.37
CA GLU D 35 -16.71 8.07 -2.27
C GLU D 35 -17.16 8.74 -3.56
N MET D 36 -18.35 8.37 -4.04
CA MET D 36 -18.93 8.96 -5.24
C MET D 36 -20.44 9.03 -5.06
N ASN D 37 -21.12 9.76 -5.93
CA ASN D 37 -22.58 9.88 -5.81
C ASN D 37 -23.29 9.04 -6.85
N LEU D 38 -24.11 8.11 -6.37
CA LEU D 38 -24.87 7.21 -7.21
C LEU D 38 -26.34 7.50 -7.07
N PRO D 39 -27.11 7.25 -8.13
CA PRO D 39 -28.56 7.47 -8.19
C PRO D 39 -29.41 6.51 -7.35
N GLY D 40 -30.38 7.07 -6.62
CA GLY D 40 -31.26 6.23 -5.84
C GLY D 40 -31.16 6.35 -4.33
N LYS D 41 -32.04 5.63 -3.64
CA LYS D 41 -32.07 5.62 -2.19
C LYS D 41 -30.90 4.76 -1.71
N TRP D 42 -30.38 5.07 -0.52
CA TRP D 42 -29.26 4.32 0.03
C TRP D 42 -29.38 4.07 1.53
N LYS D 43 -29.24 2.82 1.94
CA LYS D 43 -29.34 2.49 3.36
C LYS D 43 -27.93 2.43 3.95
N PRO D 44 -27.77 2.85 5.22
CA PRO D 44 -26.48 2.83 5.92
C PRO D 44 -26.08 1.42 6.35
N LYS D 45 -24.79 1.11 6.25
CA LYS D 45 -24.32 -0.21 6.65
C LYS D 45 -22.92 -0.16 7.24
N MET D 46 -22.51 -1.29 7.81
CA MET D 46 -21.21 -1.43 8.44
C MET D 46 -20.51 -2.68 7.92
N ILE D 47 -19.39 -2.51 7.24
CA ILE D 47 -18.65 -3.65 6.74
C ILE D 47 -17.27 -3.65 7.37
N GLY D 48 -16.78 -4.83 7.72
CA GLY D 48 -15.47 -4.92 8.34
C GLY D 48 -14.50 -5.87 7.66
N GLY D 49 -13.21 -5.66 7.95
CA GLY D 49 -12.13 -6.46 7.40
C GLY D 49 -10.98 -6.28 8.38
N ILE D 50 -9.75 -6.52 7.95
CA ILE D 50 -8.61 -6.35 8.86
C ILE D 50 -8.47 -4.87 9.20
N GLY D 51 -8.22 -4.58 10.48
CA GLY D 51 -8.07 -3.21 10.90
C GLY D 51 -9.33 -2.50 11.35
N GLY D 52 -10.44 -3.23 11.50
CA GLY D 52 -11.68 -2.61 11.96
C GLY D 52 -12.83 -2.50 10.97
N PHE D 53 -13.80 -1.66 11.30
CA PHE D 53 -14.98 -1.45 10.46
C PHE D 53 -15.06 -0.05 9.87
N ILE D 54 -15.93 0.11 8.88
CA ILE D 54 -16.17 1.39 8.24
C ILE D 54 -17.64 1.45 7.85
N LYS D 55 -18.23 2.64 7.95
CA LYS D 55 -19.63 2.84 7.62
C LYS D 55 -19.80 3.25 6.17
N VAL D 56 -20.52 2.43 5.41
CA VAL D 56 -20.75 2.68 3.99
C VAL D 56 -22.23 2.86 3.66
N ARG D 57 -22.51 3.33 2.45
CA ARG D 57 -23.88 3.54 1.99
C ARG D 57 -24.18 2.40 1.03
N GLN D 58 -25.38 1.83 1.12
CA GLN D 58 -25.72 0.72 0.24
C GLN D 58 -26.68 1.12 -0.90
N TYR D 59 -26.28 0.81 -2.12
CA TYR D 59 -27.09 1.09 -3.29
C TYR D 59 -27.40 -0.23 -3.97
N ASP D 60 -28.66 -0.42 -4.38
CA ASP D 60 -29.06 -1.65 -5.03
C ASP D 60 -29.33 -1.44 -6.50
N GLN D 61 -29.43 -2.54 -7.23
CA GLN D 61 -29.72 -2.52 -8.66
C GLN D 61 -28.91 -1.50 -9.45
N ILE D 62 -27.63 -1.37 -9.14
CA ILE D 62 -26.75 -0.46 -9.88
C ILE D 62 -26.10 -1.30 -10.97
N PRO D 63 -25.99 -0.76 -12.19
CA PRO D 63 -25.36 -1.52 -13.28
C PRO D 63 -23.88 -1.22 -13.29
N VAL D 64 -23.06 -2.27 -13.28
CA VAL D 64 -21.62 -2.11 -13.31
C VAL D 64 -21.08 -2.90 -14.48
N GLU D 65 -20.03 -2.39 -15.11
CA GLU D 65 -19.46 -3.05 -16.26
C GLU D 65 -17.99 -3.44 -16.02
N ILE D 66 -17.80 -4.58 -15.36
CA ILE D 66 -16.46 -5.06 -15.06
C ILE D 66 -15.75 -5.59 -16.29
N CYS D 67 -14.66 -4.92 -16.68
CA CYS D 67 -13.87 -5.32 -17.85
C CYS D 67 -14.75 -5.61 -19.07
N GLY D 68 -15.71 -4.72 -19.30
CA GLY D 68 -16.60 -4.90 -20.43
C GLY D 68 -17.75 -5.87 -20.21
N HIS D 69 -17.84 -6.47 -19.02
CA HIS D 69 -18.90 -7.43 -18.72
C HIS D 69 -19.99 -6.85 -17.81
N LYS D 70 -21.21 -6.73 -18.35
CA LYS D 70 -22.33 -6.16 -17.61
C LYS D 70 -22.90 -7.03 -16.49
N ALA D 71 -23.09 -6.40 -15.35
CA ALA D 71 -23.64 -7.06 -14.17
C ALA D 71 -24.33 -5.94 -13.42
N ILE D 72 -25.40 -6.25 -12.69
CA ILE D 72 -26.08 -5.23 -11.92
C ILE D 72 -26.45 -5.80 -10.57
N GLY D 73 -26.04 -5.10 -9.52
CA GLY D 73 -26.31 -5.56 -8.17
C GLY D 73 -26.03 -4.46 -7.15
N THR D 74 -25.72 -4.86 -5.92
CA THR D 74 -25.47 -3.90 -4.87
C THR D 74 -24.03 -3.37 -4.82
N VAL D 75 -23.93 -2.06 -4.76
CA VAL D 75 -22.66 -1.36 -4.69
C VAL D 75 -22.69 -0.55 -3.40
N LEU D 76 -21.65 -0.65 -2.60
CA LEU D 76 -21.58 0.10 -1.34
C LEU D 76 -20.55 1.21 -1.53
N VAL D 77 -20.90 2.43 -1.13
CA VAL D 77 -19.97 3.54 -1.25
C VAL D 77 -19.40 3.90 0.11
N GLY D 78 -18.12 4.26 0.15
CA GLY D 78 -17.52 4.61 1.41
C GLY D 78 -16.02 4.89 1.37
N PRO D 79 -15.46 5.16 2.55
CA PRO D 79 -14.04 5.46 2.77
C PRO D 79 -13.07 4.31 2.55
N THR D 80 -13.21 3.58 1.46
CA THR D 80 -12.29 2.47 1.23
C THR D 80 -11.00 2.97 0.57
N PRO D 81 -9.84 2.44 0.99
CA PRO D 81 -8.59 2.89 0.38
C PRO D 81 -8.45 2.44 -1.06
N VAL D 82 -9.35 1.58 -1.52
CA VAL D 82 -9.31 1.08 -2.89
C VAL D 82 -10.72 0.70 -3.30
N ASN D 83 -10.97 0.61 -4.61
CA ASN D 83 -12.28 0.18 -5.08
C ASN D 83 -12.25 -1.33 -5.12
N ILE D 84 -13.21 -1.95 -4.46
CA ILE D 84 -13.25 -3.40 -4.40
C ILE D 84 -14.49 -4.01 -5.02
N ILE D 85 -14.28 -4.98 -5.89
CA ILE D 85 -15.38 -5.70 -6.52
C ILE D 85 -15.44 -7.06 -5.84
N GLY D 86 -16.49 -7.26 -5.05
CA GLY D 86 -16.69 -8.50 -4.31
C GLY D 86 -17.37 -9.62 -5.04
N ARG D 87 -17.52 -10.76 -4.35
CA ARG D 87 -18.15 -11.93 -4.93
C ARG D 87 -19.55 -11.70 -5.50
N ASN D 88 -20.35 -10.86 -4.84
CA ASN D 88 -21.71 -10.62 -5.32
C ASN D 88 -21.72 -10.25 -6.78
N LEU D 89 -20.73 -9.48 -7.21
CA LEU D 89 -20.69 -9.10 -8.60
C LEU D 89 -19.85 -10.05 -9.44
N LEU D 90 -18.80 -10.60 -8.86
CA LEU D 90 -17.93 -11.50 -9.61
C LEU D 90 -18.72 -12.67 -10.20
N THR D 91 -19.60 -13.26 -9.40
CA THR D 91 -20.37 -14.40 -9.88
C THR D 91 -21.21 -14.00 -11.07
N GLN D 92 -21.64 -12.74 -11.11
CA GLN D 92 -22.45 -12.30 -12.23
C GLN D 92 -21.74 -12.34 -13.57
N ILE D 93 -20.45 -12.01 -13.60
CA ILE D 93 -19.74 -12.07 -14.86
C ILE D 93 -19.10 -13.44 -14.98
N GLY D 94 -19.54 -14.32 -14.09
CA GLY D 94 -19.04 -15.69 -14.06
C GLY D 94 -17.55 -15.78 -13.85
N CYS D 95 -17.12 -15.58 -12.62
CA CYS D 95 -15.70 -15.59 -12.33
C CYS D 95 -15.32 -16.79 -11.48
N THR D 96 -14.10 -17.30 -11.68
CA THR D 96 -13.62 -18.44 -10.89
C THR D 96 -12.11 -18.48 -10.66
N LEU D 97 -11.71 -19.13 -9.57
CA LEU D 97 -10.31 -19.32 -9.20
C LEU D 97 -9.93 -20.68 -9.75
N ASN D 98 -8.84 -20.74 -10.53
CA ASN D 98 -8.40 -22.00 -11.14
C ASN D 98 -6.91 -22.30 -10.95
N PHE D 99 -6.61 -23.28 -10.09
CA PHE D 99 -5.22 -23.67 -9.80
C PHE D 99 -5.02 -25.18 -9.82
N VAL E 1 -3.61 1.24 -3.25
N VAL E 1 -4.57 2.37 -1.20
CA VAL E 1 -3.84 2.41 -2.33
CA VAL E 1 -3.34 2.11 -2.01
C VAL E 1 -2.60 3.29 -2.37
C VAL E 1 -2.40 3.33 -2.31
N SER E 2 -2.87 4.59 -2.36
CA SER E 2 -1.87 5.65 -2.51
C SER E 2 -0.93 5.70 -1.31
N GLN E 3 0.33 5.37 -1.55
CA GLN E 3 1.34 5.38 -0.48
C GLN E 3 2.29 6.58 -0.50
N ASN E 4 2.33 7.35 0.60
CA ASN E 4 3.17 8.54 0.71
C ASN E 4 3.89 8.55 2.07
N TYR E 5 5.21 8.32 2.05
CA TYR E 5 6.00 8.22 3.28
C TYR E 5 6.96 9.33 3.71
N PRO E 6 6.49 10.58 3.89
CA PRO E 6 7.44 11.58 4.32
C PRO E 6 7.59 11.34 5.82
N ILE E 7 8.76 11.58 6.38
CA ILE E 7 8.95 11.37 7.81
C ILE E 7 9.59 12.61 8.46
N VAL E 8 9.15 12.97 9.66
CA VAL E 8 9.68 14.12 10.36
C VAL E 8 9.84 13.84 11.86
N GLN E 9 10.94 14.34 12.44
CA GLN E 9 11.25 14.14 13.87
C GLN E 9 10.47 15.09 14.78
N VAL F 1 3.90 -1.58 1.37
N VAL F 1 2.92 -1.33 3.55
CA VAL F 1 3.09 -1.99 2.57
CA VAL F 1 2.92 -1.94 2.20
C VAL F 1 2.15 -3.12 2.14
C VAL F 1 2.08 -3.23 2.03
N SER F 2 2.01 -4.10 3.04
CA SER F 2 1.19 -5.29 2.85
C SER F 2 -0.29 -5.05 2.94
N GLN F 3 -0.91 -4.88 1.80
CA GLN F 3 -2.35 -4.64 1.76
C GLN F 3 -3.16 -5.95 1.75
N ASN F 4 -4.14 -6.04 2.63
CA ASN F 4 -4.99 -7.22 2.74
C ASN F 4 -6.45 -6.78 2.95
N TYR F 5 -7.26 -7.01 1.91
CA TYR F 5 -8.65 -6.57 1.92
C TYR F 5 -9.83 -7.54 2.05
N PRO F 6 -9.79 -8.49 3.02
CA PRO F 6 -10.94 -9.38 3.13
C PRO F 6 -12.06 -8.52 3.74
N ILE F 7 -13.26 -8.58 3.18
CA ILE F 7 -14.36 -7.77 3.73
C ILE F 7 -15.61 -8.59 4.09
N VAL F 8 -15.91 -8.70 5.39
CA VAL F 8 -17.07 -9.46 5.86
C VAL F 8 -18.21 -8.59 6.40
C ACT G . 17.84 20.56 6.70
O ACT G . 18.21 21.37 5.58
OXT ACT G . 16.82 21.08 7.38
CH3 ACT G . 18.89 19.70 7.42
C ACT H . -0.69 12.40 -12.47
O ACT H . 0.57 12.37 -13.16
OXT ACT H . -1.71 11.72 -12.98
CH3 ACT H . -0.88 13.25 -11.25
C ACT I . 5.62 37.58 -8.60
O ACT I . 6.91 36.99 -8.42
OXT ACT I . 4.62 36.73 -8.80
CH3 ACT I . 5.47 39.03 -8.98
C ACT J . 1.28 3.55 -9.09
O ACT J . 0.27 4.40 -9.64
OXT ACT J . 1.90 2.75 -9.96
CH3 ACT J . 1.37 3.29 -7.60
C ACT K . 31.59 2.38 -2.69
O ACT K . 32.04 3.27 -3.72
OXT ACT K . 30.61 2.81 -1.90
CH3 ACT K . 32.03 0.94 -2.66
C ACT L . 13.21 0.36 -15.33
O ACT L . 12.45 0.48 -16.54
OXT ACT L . 14.23 1.22 -15.19
CH3 ACT L . 13.11 -0.89 -14.47
C ACT M . -0.38 -0.88 -7.35
O ACT M . -1.29 -0.11 -8.14
OXT ACT M . 0.74 -0.31 -6.93
CH3 ACT M . -0.66 -2.35 -7.04
C ACT N . 6.38 -15.52 0.28
O ACT N . 6.53 -16.25 -0.95
OXT ACT N . 7.02 -14.37 0.48
CH3 ACT N . 5.58 -16.13 1.39
C ACT O . 3.30 -8.09 -4.74
O ACT O . 3.21 -9.32 -5.47
OXT ACT O . 3.01 -6.97 -5.40
CH3 ACT O . 4.03 -8.03 -3.41
C ACT P . -21.54 -10.86 -21.66
O ACT P . -20.16 -10.67 -21.32
OXT ACT P . -22.39 -9.88 -21.35
CH3 ACT P . -22.03 -12.15 -22.27
C ACT Q . -23.53 4.12 -17.33
O ACT Q . -24.26 3.91 -16.12
OXT ACT Q . -22.67 3.16 -17.65
CH3 ACT Q . -24.04 5.08 -18.38
C ACT R . 3.71 -3.48 -4.11
O ACT R . 3.09 -2.95 -5.29
OXT ACT R . 3.45 -2.84 -2.96
CH3 ACT R . 4.86 -4.47 -4.21
#